data_8BJ9
#
_entry.id   8BJ9
#
_cell.length_a   36.063
_cell.length_b   117.392
_cell.length_c   141.712
_cell.angle_alpha   90.000
_cell.angle_beta   90.000
_cell.angle_gamma   90.000
#
_symmetry.space_group_name_H-M   'C 2 2 21'
#
loop_
_entity.id
_entity.type
_entity.pdbx_description
1 polymer 'ABC transporter'
2 non-polymer 'FE (III) ION'
3 non-polymer "N,N'-pentane-1,5-diylbis(2,3-dihydroxybenzamide)"
4 non-polymer 'NICKEL (II) ION'
5 non-polymer 'SULFATE ION'
6 water water
#
_entity_poly.entity_id   1
_entity_poly.type   'polypeptide(L)'
_entity_poly.pdbx_seq_one_letter_code
;CGNEDNAKNASSSNPKNDSEEITIKHELGETKVKKKPEKVVVFDFGVLDSLDKLGVEVTGVPKANLPSYLEKYKDSKYEN
VGGLMEPDFEKINEIAPDLIIISGRQANSYEKFAEIAPTVYMGIDTKNYIDSFANNMKTLGKIFGKEKEVEKELESINKQ
IEAVKAKAEKTSGKALIVLTTGGKVSAYGPGSRFGIIHDVLGIKPVDANIEVSTHGQSISFEYIAEKNPDYLFVVDRDAV
VAGKPSAKQTIENELVKKTNAYKNNRIIYLNPNYWYLAGGGLISVAEMINEVEKGIE
;
_entity_poly.pdbx_strand_id   A
#
loop_
_chem_comp.id
_chem_comp.type
_chem_comp.name
_chem_comp.formula
5LC non-polymer N,N'-pentane-1,5-diylbis(2,3-dihydroxybenzamide) 'C19 H22 N2 O6'
FE non-polymer 'FE (III) ION' 'Fe 3'
NI non-polymer 'NICKEL (II) ION' 'Ni 2'
SO4 non-polymer 'SULFATE ION' 'O4 S -2'
#
# COMPACT_ATOMS: atom_id res chain seq x y z
N GLU A 20 14.65 -9.01 -26.21
CA GLU A 20 13.58 -10.02 -26.07
C GLU A 20 12.35 -9.38 -25.45
N GLU A 21 11.41 -8.97 -26.31
CA GLU A 21 10.18 -8.32 -25.90
C GLU A 21 9.21 -9.37 -25.33
N ILE A 22 8.35 -8.95 -24.40
CA ILE A 22 7.30 -9.79 -23.81
C ILE A 22 6.01 -8.98 -23.68
N THR A 23 4.87 -9.68 -23.57
CA THR A 23 3.55 -9.08 -23.50
C THR A 23 2.94 -9.28 -22.13
N ILE A 24 2.47 -8.18 -21.52
CA ILE A 24 1.90 -8.18 -20.19
C ILE A 24 0.40 -7.91 -20.29
N LYS A 25 -0.41 -8.81 -19.71
CA LYS A 25 -1.85 -8.61 -19.54
C LYS A 25 -2.11 -7.98 -18.18
N HIS A 26 -3.00 -6.95 -18.13
CA HIS A 26 -3.25 -6.27 -16.87
C HIS A 26 -4.66 -5.72 -16.88
N GLU A 27 -5.13 -5.20 -15.74
CA GLU A 27 -6.50 -4.76 -15.60
C GLU A 27 -6.87 -3.78 -16.72
N LEU A 28 -5.92 -2.99 -17.25
CA LEU A 28 -6.26 -1.95 -18.22
C LEU A 28 -5.84 -2.33 -19.65
N GLY A 29 -5.56 -3.63 -19.90
CA GLY A 29 -5.21 -4.07 -21.23
C GLY A 29 -3.92 -4.89 -21.27
N GLU A 30 -3.27 -4.81 -22.49
CA GLU A 30 -2.15 -5.68 -22.81
C GLU A 30 -1.04 -4.83 -23.41
N THR A 31 0.15 -4.96 -22.82
CA THR A 31 1.28 -4.10 -23.18
C THR A 31 2.45 -4.97 -23.61
N LYS A 32 3.08 -4.62 -24.73
CA LYS A 32 4.32 -5.24 -25.17
C LYS A 32 5.50 -4.45 -24.58
N VAL A 33 6.41 -5.16 -23.90
CA VAL A 33 7.51 -4.53 -23.18
C VAL A 33 8.82 -5.26 -23.47
N LYS A 34 9.87 -4.49 -23.77
CA LYS A 34 11.22 -5.00 -23.83
C LYS A 34 11.56 -5.58 -22.47
N LYS A 35 12.09 -6.82 -22.44
CA LYS A 35 12.68 -7.36 -21.23
C LYS A 35 13.83 -6.46 -20.79
N LYS A 36 13.97 -6.30 -19.47
CA LYS A 36 15.01 -5.50 -18.87
C LYS A 36 15.01 -4.09 -19.46
N PRO A 37 13.88 -3.35 -19.42
CA PRO A 37 13.84 -2.01 -20.02
C PRO A 37 14.89 -1.09 -19.38
N GLU A 38 15.57 -0.28 -20.20
CA GLU A 38 16.63 0.60 -19.73
C GLU A 38 16.04 1.71 -18.83
N LYS A 39 15.00 2.41 -19.29
CA LYS A 39 14.46 3.57 -18.59
C LYS A 39 13.06 3.26 -18.04
N VAL A 40 12.96 3.23 -16.70
CA VAL A 40 11.75 2.83 -16.01
C VAL A 40 11.25 3.98 -15.15
N VAL A 41 10.00 4.37 -15.40
CA VAL A 41 9.29 5.35 -14.59
C VAL A 41 8.21 4.60 -13.78
N VAL A 42 8.10 4.96 -12.50
CA VAL A 42 7.27 4.28 -11.51
C VAL A 42 6.36 5.27 -10.77
N PHE A 43 5.03 5.05 -10.85
CA PHE A 43 4.04 5.82 -10.11
C PHE A 43 3.39 5.02 -8.98
N ASP A 44 3.91 3.82 -8.66
CA ASP A 44 3.41 3.05 -7.54
C ASP A 44 4.58 2.76 -6.62
N PHE A 45 4.43 3.10 -5.34
CA PHE A 45 5.55 3.07 -4.40
C PHE A 45 5.85 1.66 -3.90
N GLY A 46 4.81 0.84 -3.73
CA GLY A 46 4.93 -0.59 -3.59
C GLY A 46 5.85 -1.19 -4.65
N VAL A 47 5.59 -0.86 -5.92
CA VAL A 47 6.42 -1.29 -7.02
C VAL A 47 7.83 -0.73 -6.91
N LEU A 48 7.92 0.58 -6.59
CA LEU A 48 9.22 1.21 -6.43
C LEU A 48 10.01 0.50 -5.33
N ASP A 49 9.38 0.22 -4.18
CA ASP A 49 10.07 -0.48 -3.09
C ASP A 49 10.38 -1.95 -3.47
N SER A 50 9.55 -2.56 -4.33
CA SER A 50 9.89 -3.88 -4.85
C SER A 50 11.11 -3.79 -5.75
N LEU A 51 11.16 -2.83 -6.69
CA LEU A 51 12.34 -2.77 -7.55
C LEU A 51 13.59 -2.44 -6.73
N ASP A 52 13.45 -1.55 -5.75
CA ASP A 52 14.54 -1.28 -4.81
C ASP A 52 14.99 -2.62 -4.25
N LYS A 53 14.03 -3.32 -3.64
CA LYS A 53 14.28 -4.60 -2.98
C LYS A 53 15.02 -5.56 -3.91
N LEU A 54 14.81 -5.45 -5.23
CA LEU A 54 15.40 -6.40 -6.18
C LEU A 54 16.74 -5.94 -6.76
N GLY A 55 17.24 -4.75 -6.39
CA GLY A 55 18.38 -4.15 -7.06
C GLY A 55 18.07 -3.73 -8.49
N VAL A 56 16.83 -3.33 -8.80
CA VAL A 56 16.47 -2.89 -10.13
C VAL A 56 16.48 -1.36 -10.19
N GLU A 57 17.14 -0.78 -11.20
CA GLU A 57 17.39 0.65 -11.25
C GLU A 57 16.21 1.37 -11.90
N VAL A 58 15.72 2.46 -11.30
CA VAL A 58 14.63 3.22 -11.91
C VAL A 58 15.19 4.58 -12.29
N THR A 59 14.52 5.21 -13.28
CA THR A 59 14.90 6.49 -13.85
C THR A 59 14.06 7.60 -13.23
N GLY A 60 12.74 7.46 -13.23
CA GLY A 60 11.82 8.52 -12.82
C GLY A 60 10.84 8.05 -11.75
N VAL A 61 10.63 8.93 -10.76
CA VAL A 61 9.66 8.72 -9.69
C VAL A 61 9.03 10.07 -9.39
N PRO A 62 7.76 10.11 -8.90
CA PRO A 62 7.14 11.32 -8.38
C PRO A 62 7.61 11.69 -6.97
N LYS A 63 8.63 12.55 -6.91
CA LYS A 63 9.43 12.77 -5.71
C LYS A 63 8.60 13.49 -4.65
N ALA A 64 7.53 14.15 -5.10
CA ALA A 64 6.71 14.98 -4.24
C ALA A 64 6.02 14.16 -3.15
N ASN A 65 5.69 12.89 -3.42
CA ASN A 65 4.98 12.07 -2.46
C ASN A 65 5.86 10.92 -1.96
N LEU A 66 7.17 10.97 -2.21
CA LEU A 66 8.03 9.87 -1.78
C LEU A 66 7.79 9.57 -0.31
N PRO A 67 7.51 8.29 0.04
CA PRO A 67 7.60 7.80 1.42
C PRO A 67 8.95 7.97 2.11
N SER A 68 8.89 8.17 3.42
CA SER A 68 10.06 8.32 4.27
C SER A 68 11.10 7.27 3.92
N TYR A 69 10.67 5.99 3.91
CA TYR A 69 11.58 4.86 3.73
C TYR A 69 12.11 4.77 2.30
N LEU A 70 11.56 5.55 1.36
CA LEU A 70 12.11 5.57 0.00
C LEU A 70 12.82 6.91 -0.30
N GLU A 71 13.14 7.68 0.74
CA GLU A 71 13.76 8.99 0.56
C GLU A 71 14.97 8.98 -0.38
N LYS A 72 15.70 7.86 -0.53
CA LYS A 72 16.82 7.82 -1.46
C LYS A 72 16.41 8.19 -2.90
N TYR A 73 15.13 8.02 -3.26
CA TYR A 73 14.73 8.31 -4.63
C TYR A 73 14.58 9.82 -4.88
N LYS A 74 14.82 10.62 -3.85
CA LYS A 74 15.00 12.06 -4.04
C LYS A 74 16.31 12.37 -4.76
N ASP A 75 17.34 11.52 -4.66
CA ASP A 75 18.60 11.86 -5.30
C ASP A 75 18.36 12.43 -6.71
N SER A 76 19.19 13.39 -7.08
CA SER A 76 19.33 13.94 -8.42
C SER A 76 19.73 12.90 -9.48
N LYS A 77 20.25 11.73 -9.13
CA LYS A 77 20.37 10.67 -10.14
C LYS A 77 19.00 10.25 -10.70
N TYR A 78 17.92 10.48 -9.96
CA TYR A 78 16.57 10.16 -10.43
C TYR A 78 15.89 11.40 -10.97
N GLU A 79 15.11 11.20 -12.03
CA GLU A 79 14.27 12.23 -12.64
C GLU A 79 12.98 12.37 -11.84
N ASN A 80 12.60 13.59 -11.53
CA ASN A 80 11.34 13.89 -10.90
C ASN A 80 10.22 13.88 -11.94
N VAL A 81 9.24 12.97 -11.84
CA VAL A 81 8.12 13.03 -12.79
C VAL A 81 6.84 13.48 -12.11
N GLY A 82 6.99 14.19 -10.99
CA GLY A 82 5.92 14.98 -10.42
C GLY A 82 5.41 14.39 -9.10
N GLY A 83 4.07 14.27 -9.05
CA GLY A 83 3.36 13.70 -7.92
C GLY A 83 2.47 12.54 -8.36
N LEU A 84 2.00 11.79 -7.36
CA LEU A 84 1.08 10.67 -7.56
C LEU A 84 -0.20 11.11 -8.30
N MET A 85 -0.72 12.28 -7.96
CA MET A 85 -1.96 12.77 -8.57
C MET A 85 -1.67 13.78 -9.67
N GLU A 86 -0.40 14.13 -9.85
CA GLU A 86 0.04 15.24 -10.71
C GLU A 86 1.29 14.82 -11.48
N PRO A 87 1.16 13.94 -12.48
CA PRO A 87 2.33 13.47 -13.22
C PRO A 87 2.78 14.58 -14.16
N ASP A 88 4.08 14.80 -14.22
CA ASP A 88 4.66 15.72 -15.18
C ASP A 88 4.75 15.03 -16.53
N PHE A 89 3.69 15.12 -17.34
CA PHE A 89 3.58 14.38 -18.59
C PHE A 89 4.64 14.84 -19.58
N GLU A 90 4.97 16.13 -19.60
CA GLU A 90 5.93 16.67 -20.54
C GLU A 90 7.28 16.07 -20.20
N LYS A 91 7.61 16.05 -18.91
CA LYS A 91 8.90 15.54 -18.49
C LYS A 91 9.01 14.04 -18.81
N ILE A 92 7.92 13.30 -18.56
CA ILE A 92 7.89 11.88 -18.87
C ILE A 92 8.21 11.66 -20.35
N ASN A 93 7.57 12.45 -21.22
CA ASN A 93 7.86 12.46 -22.64
C ASN A 93 9.34 12.63 -22.96
N GLU A 94 9.97 13.63 -22.35
CA GLU A 94 11.36 13.94 -22.62
C GLU A 94 12.27 12.79 -22.16
N ILE A 95 11.89 12.06 -21.10
CA ILE A 95 12.65 10.90 -20.66
C ILE A 95 12.53 9.80 -21.72
N ALA A 96 11.36 9.71 -22.37
CA ALA A 96 11.08 8.64 -23.32
C ALA A 96 11.39 7.29 -22.67
N PRO A 97 10.62 6.91 -21.64
CA PRO A 97 10.91 5.68 -20.89
C PRO A 97 10.60 4.44 -21.73
N ASP A 98 11.22 3.32 -21.36
CA ASP A 98 10.93 2.03 -21.99
C ASP A 98 9.74 1.38 -21.27
N LEU A 99 9.45 1.80 -20.04
CA LEU A 99 8.34 1.23 -19.29
C LEU A 99 7.85 2.23 -18.24
N ILE A 100 6.53 2.48 -18.22
CA ILE A 100 5.91 3.20 -17.12
C ILE A 100 5.03 2.23 -16.34
N ILE A 101 5.18 2.20 -15.01
CA ILE A 101 4.32 1.36 -14.18
C ILE A 101 3.45 2.24 -13.30
N ILE A 102 2.11 2.12 -13.44
CA ILE A 102 1.15 2.91 -12.65
C ILE A 102 0.23 2.00 -11.85
N SER A 103 -0.52 2.60 -10.91
CA SER A 103 -1.52 1.85 -10.16
C SER A 103 -2.79 2.70 -10.05
N GLY A 104 -3.59 2.43 -9.01
CA GLY A 104 -4.98 2.86 -8.98
C GLY A 104 -5.14 4.37 -8.98
N ARG A 105 -4.22 5.08 -8.33
CA ARG A 105 -4.25 6.54 -8.27
C ARG A 105 -4.12 7.15 -9.68
N GLN A 106 -3.59 6.40 -10.66
CA GLN A 106 -3.39 6.92 -12.00
C GLN A 106 -4.25 6.19 -13.04
N ALA A 107 -5.05 5.18 -12.60
CA ALA A 107 -5.86 4.39 -13.52
C ALA A 107 -6.47 5.27 -14.61
N ASN A 108 -7.08 6.39 -14.22
CA ASN A 108 -7.80 7.24 -15.16
C ASN A 108 -6.87 7.90 -16.18
N SER A 109 -5.56 7.96 -15.91
CA SER A 109 -4.66 8.57 -16.86
C SER A 109 -3.98 7.50 -17.73
N TYR A 110 -4.51 6.27 -17.74
CA TYR A 110 -3.83 5.18 -18.43
C TYR A 110 -3.50 5.58 -19.87
N GLU A 111 -4.49 6.09 -20.62
CA GLU A 111 -4.32 6.30 -22.06
C GLU A 111 -3.23 7.35 -22.30
N LYS A 112 -3.25 8.43 -21.50
CA LYS A 112 -2.23 9.45 -21.50
C LYS A 112 -0.82 8.86 -21.35
N PHE A 113 -0.65 7.93 -20.40
CA PHE A 113 0.64 7.32 -20.16
C PHE A 113 1.03 6.42 -21.34
N ALA A 114 0.07 5.59 -21.78
CA ALA A 114 0.29 4.60 -22.82
C ALA A 114 0.65 5.27 -24.15
N GLU A 115 0.13 6.50 -24.36
CA GLU A 115 0.50 7.31 -25.51
C GLU A 115 2.00 7.58 -25.49
N ILE A 116 2.58 7.80 -24.30
CA ILE A 116 3.98 8.20 -24.21
C ILE A 116 4.88 6.98 -24.42
N ALA A 117 4.54 5.88 -23.75
CA ALA A 117 5.42 4.74 -23.68
C ALA A 117 4.63 3.56 -23.15
N PRO A 118 5.14 2.32 -23.32
CA PRO A 118 4.46 1.12 -22.80
C PRO A 118 4.22 1.28 -21.30
N THR A 119 2.94 1.15 -20.93
CA THR A 119 2.47 1.36 -19.58
C THR A 119 1.82 0.07 -19.10
N VAL A 120 2.29 -0.44 -17.94
CA VAL A 120 1.67 -1.58 -17.27
C VAL A 120 0.90 -1.04 -16.07
N TYR A 121 -0.35 -1.50 -15.87
CA TYR A 121 -1.08 -1.16 -14.67
C TYR A 121 -0.96 -2.28 -13.66
N MET A 122 -0.62 -1.94 -12.40
CA MET A 122 -0.39 -2.94 -11.34
C MET A 122 -1.16 -2.52 -10.11
N GLY A 123 -2.37 -3.05 -9.97
CA GLY A 123 -3.21 -2.70 -8.85
C GLY A 123 -3.36 -3.91 -7.97
N ILE A 124 -3.80 -3.68 -6.73
CA ILE A 124 -4.13 -4.77 -5.84
C ILE A 124 -5.63 -4.97 -5.88
N ASP A 125 -6.05 -6.16 -6.32
CA ASP A 125 -7.39 -6.66 -6.08
C ASP A 125 -7.53 -6.96 -4.59
N THR A 126 -8.37 -6.17 -3.90
CA THR A 126 -8.47 -6.26 -2.45
C THR A 126 -9.32 -7.45 -2.00
N LYS A 127 -10.03 -8.08 -2.93
CA LYS A 127 -10.73 -9.33 -2.66
C LYS A 127 -9.74 -10.49 -2.58
N ASN A 128 -8.62 -10.39 -3.31
CA ASN A 128 -7.54 -11.36 -3.23
C ASN A 128 -6.22 -10.61 -3.13
N TYR A 129 -5.98 -10.04 -1.94
CA TYR A 129 -4.82 -9.19 -1.76
C TYR A 129 -3.56 -9.95 -2.16
N ILE A 130 -3.37 -11.14 -1.59
CA ILE A 130 -2.09 -11.82 -1.67
C ILE A 130 -1.86 -12.35 -3.08
N ASP A 131 -2.93 -12.80 -3.73
CA ASP A 131 -2.82 -13.33 -5.08
C ASP A 131 -2.46 -12.22 -6.06
N SER A 132 -3.12 -11.05 -5.98
CA SER A 132 -2.78 -9.93 -6.86
C SER A 132 -1.34 -9.47 -6.57
N PHE A 133 -1.01 -9.28 -5.29
CA PHE A 133 0.35 -8.98 -4.87
C PHE A 133 1.38 -9.90 -5.54
N ALA A 134 1.14 -11.22 -5.48
CA ALA A 134 2.11 -12.19 -5.96
C ALA A 134 2.29 -12.07 -7.48
N ASN A 135 1.17 -11.92 -8.20
CA ASN A 135 1.19 -11.81 -9.65
C ASN A 135 1.90 -10.51 -10.08
N ASN A 136 1.63 -9.41 -9.37
CA ASN A 136 2.34 -8.15 -9.61
C ASN A 136 3.84 -8.40 -9.52
N MET A 137 4.26 -9.03 -8.43
CA MET A 137 5.66 -9.25 -8.15
C MET A 137 6.27 -10.14 -9.20
N LYS A 138 5.52 -11.19 -9.59
CA LYS A 138 6.00 -12.16 -10.57
C LYS A 138 6.11 -11.52 -11.94
N THR A 139 5.22 -10.57 -12.24
CA THR A 139 5.34 -9.77 -13.46
C THR A 139 6.64 -8.95 -13.48
N LEU A 140 7.03 -8.37 -12.33
CA LEU A 140 8.30 -7.65 -12.22
C LEU A 140 9.47 -8.62 -12.40
N GLY A 141 9.36 -9.81 -11.78
CA GLY A 141 10.29 -10.89 -11.98
C GLY A 141 10.55 -11.14 -13.47
N LYS A 142 9.46 -11.24 -14.24
CA LYS A 142 9.54 -11.57 -15.66
C LYS A 142 10.22 -10.42 -16.40
N ILE A 143 9.70 -9.21 -16.19
CA ILE A 143 10.18 -8.05 -16.93
C ILE A 143 11.68 -7.88 -16.72
N PHE A 144 12.16 -8.15 -15.50
CA PHE A 144 13.49 -7.72 -15.11
C PHE A 144 14.45 -8.90 -14.98
N GLY A 145 13.98 -10.13 -15.20
CA GLY A 145 14.81 -11.30 -15.00
C GLY A 145 15.14 -11.47 -13.52
N LYS A 146 14.09 -11.45 -12.69
CA LYS A 146 14.26 -11.46 -11.24
C LYS A 146 13.34 -12.49 -10.61
N GLU A 147 13.07 -13.58 -11.34
CA GLU A 147 12.05 -14.54 -10.94
C GLU A 147 12.39 -15.18 -9.60
N LYS A 148 13.64 -15.66 -9.43
CA LYS A 148 14.01 -16.38 -8.22
C LYS A 148 14.07 -15.45 -7.02
N GLU A 149 14.57 -14.23 -7.21
CA GLU A 149 14.65 -13.23 -6.16
C GLU A 149 13.24 -12.92 -5.64
N VAL A 150 12.30 -12.76 -6.61
CA VAL A 150 10.88 -12.56 -6.31
C VAL A 150 10.34 -13.73 -5.49
N GLU A 151 10.54 -14.98 -5.95
CA GLU A 151 10.03 -16.18 -5.28
C GLU A 151 10.53 -16.31 -3.82
N LYS A 152 11.86 -15.98 -3.65
CA LYS A 152 12.48 -15.95 -2.33
C LYS A 152 11.78 -14.96 -1.40
N GLU A 153 11.47 -13.76 -1.92
CA GLU A 153 10.80 -12.75 -1.12
C GLU A 153 9.34 -13.14 -0.88
N LEU A 154 8.70 -13.75 -1.88
CA LEU A 154 7.31 -14.19 -1.69
C LEU A 154 7.25 -15.26 -0.61
N GLU A 155 8.32 -16.06 -0.52
CA GLU A 155 8.40 -17.17 0.43
C GLU A 155 8.57 -16.64 1.86
N SER A 156 9.40 -15.60 2.00
CA SER A 156 9.65 -14.97 3.28
C SER A 156 8.37 -14.38 3.87
N ILE A 157 7.60 -13.69 3.02
CA ILE A 157 6.35 -13.08 3.43
C ILE A 157 5.35 -14.19 3.81
N ASN A 158 5.42 -15.34 3.11
CA ASN A 158 4.53 -16.44 3.42
C ASN A 158 4.75 -16.97 4.84
N LYS A 159 6.03 -17.09 5.23
CA LYS A 159 6.35 -17.57 6.56
C LYS A 159 5.92 -16.53 7.59
N GLN A 160 6.12 -15.26 7.23
CA GLN A 160 5.73 -14.13 8.06
C GLN A 160 4.24 -14.25 8.37
N ILE A 161 3.44 -14.42 7.31
CA ILE A 161 1.99 -14.48 7.43
C ILE A 161 1.59 -15.61 8.38
N GLU A 162 2.11 -16.82 8.15
CA GLU A 162 1.80 -17.99 8.98
C GLU A 162 2.05 -17.71 10.46
N ALA A 163 3.14 -16.99 10.78
CA ALA A 163 3.50 -16.72 12.16
C ALA A 163 2.47 -15.81 12.80
N VAL A 164 2.15 -14.68 12.14
CA VAL A 164 1.14 -13.77 12.61
C VAL A 164 -0.22 -14.45 12.55
N LYS A 165 -0.39 -15.36 11.58
CA LYS A 165 -1.60 -16.14 11.42
C LYS A 165 -1.79 -17.09 12.61
N ALA A 166 -0.68 -17.58 13.19
CA ALA A 166 -0.74 -18.40 14.38
C ALA A 166 -1.04 -17.52 15.59
N LYS A 167 -0.27 -16.43 15.74
CA LYS A 167 -0.39 -15.51 16.85
C LYS A 167 -1.81 -14.95 16.88
N ALA A 168 -2.38 -14.72 15.69
CA ALA A 168 -3.75 -14.26 15.58
C ALA A 168 -4.71 -15.24 16.25
N GLU A 169 -4.64 -16.50 15.84
CA GLU A 169 -5.59 -17.51 16.27
C GLU A 169 -5.43 -17.81 17.76
N LYS A 170 -4.21 -17.63 18.30
CA LYS A 170 -3.98 -17.74 19.74
C LYS A 170 -5.16 -17.14 20.49
N THR A 171 -5.42 -15.84 20.28
CA THR A 171 -6.44 -15.13 21.02
C THR A 171 -7.60 -14.77 20.11
N SER A 172 -8.71 -14.35 20.74
CA SER A 172 -9.80 -13.68 20.08
C SER A 172 -9.67 -12.19 20.39
N GLY A 173 -10.80 -11.46 20.35
CA GLY A 173 -10.75 -10.00 20.46
C GLY A 173 -10.82 -9.37 19.08
N LYS A 174 -11.71 -8.38 18.92
CA LYS A 174 -12.13 -7.88 17.62
C LYS A 174 -11.38 -6.59 17.32
N ALA A 175 -11.17 -6.31 16.02
CA ALA A 175 -10.34 -5.19 15.60
C ALA A 175 -11.13 -4.24 14.70
N LEU A 176 -10.85 -2.95 14.84
CA LEU A 176 -11.36 -1.93 13.93
C LEU A 176 -10.20 -1.20 13.28
N ILE A 177 -10.32 -0.94 11.97
CA ILE A 177 -9.34 -0.18 11.23
C ILE A 177 -9.93 1.18 10.88
N VAL A 178 -9.26 2.25 11.33
CA VAL A 178 -9.70 3.61 11.04
C VAL A 178 -8.62 4.37 10.28
N LEU A 179 -9.04 5.49 9.67
CA LEU A 179 -8.17 6.45 9.00
C LEU A 179 -8.58 7.86 9.44
N THR A 180 -7.60 8.71 9.75
CA THR A 180 -7.85 10.07 10.20
C THR A 180 -7.41 11.06 9.13
N THR A 181 -8.30 12.01 8.77
CA THR A 181 -7.94 13.11 7.91
C THR A 181 -8.73 14.36 8.33
N GLY A 182 -8.00 15.35 8.85
CA GLY A 182 -8.58 16.60 9.27
C GLY A 182 -9.70 16.37 10.29
N GLY A 183 -9.36 15.68 11.39
CA GLY A 183 -10.25 15.53 12.53
C GLY A 183 -11.38 14.53 12.27
N LYS A 184 -11.63 14.23 11.00
CA LYS A 184 -12.65 13.25 10.63
C LYS A 184 -11.99 11.88 10.59
N VAL A 185 -12.82 10.84 10.65
CA VAL A 185 -12.40 9.46 10.82
C VAL A 185 -13.28 8.56 9.95
N SER A 186 -12.66 7.62 9.24
CA SER A 186 -13.38 6.70 8.38
C SER A 186 -12.84 5.29 8.58
N ALA A 187 -13.62 4.27 8.18
CA ALA A 187 -13.38 2.92 8.63
C ALA A 187 -13.15 1.98 7.44
N TYR A 188 -12.31 0.96 7.68
CA TYR A 188 -12.06 -0.10 6.72
C TYR A 188 -12.26 -1.45 7.41
N GLY A 189 -12.82 -2.40 6.66
CA GLY A 189 -13.04 -3.75 7.15
C GLY A 189 -12.56 -4.75 6.12
N PRO A 190 -13.02 -6.02 6.17
CA PRO A 190 -12.66 -7.01 5.15
C PRO A 190 -12.85 -6.50 3.72
N GLY A 191 -11.92 -6.88 2.83
CA GLY A 191 -12.03 -6.58 1.41
C GLY A 191 -11.63 -5.15 1.04
N SER A 192 -11.23 -4.34 2.03
CA SER A 192 -10.83 -2.95 1.79
C SER A 192 -9.34 -2.89 1.46
N ARG A 193 -8.80 -1.67 1.31
CA ARG A 193 -7.38 -1.50 1.04
C ARG A 193 -6.55 -1.92 2.26
N PHE A 194 -7.18 -1.98 3.44
CA PHE A 194 -6.48 -2.41 4.65
C PHE A 194 -7.02 -3.75 5.15
N GLY A 195 -7.78 -4.46 4.31
CA GLY A 195 -8.39 -5.74 4.67
C GLY A 195 -7.39 -6.84 5.04
N ILE A 196 -6.12 -6.74 4.60
CA ILE A 196 -5.10 -7.74 4.86
C ILE A 196 -5.09 -8.13 6.34
N ILE A 197 -5.39 -7.16 7.21
CA ILE A 197 -5.48 -7.40 8.65
C ILE A 197 -6.49 -8.52 8.92
N HIS A 198 -7.67 -8.44 8.30
CA HIS A 198 -8.73 -9.41 8.48
C HIS A 198 -8.57 -10.61 7.55
N ASP A 199 -8.29 -10.34 6.27
CA ASP A 199 -8.47 -11.32 5.22
C ASP A 199 -7.35 -12.34 5.23
N VAL A 200 -6.12 -11.91 5.53
CA VAL A 200 -4.92 -12.72 5.35
C VAL A 200 -4.36 -13.16 6.70
N LEU A 201 -4.36 -12.23 7.67
CA LEU A 201 -3.60 -12.41 8.89
C LEU A 201 -4.47 -13.00 9.99
N GLY A 202 -5.80 -12.99 9.79
CA GLY A 202 -6.73 -13.72 10.64
C GLY A 202 -7.11 -13.01 11.94
N ILE A 203 -7.10 -11.66 11.91
CA ILE A 203 -7.63 -10.87 13.00
C ILE A 203 -9.16 -10.78 12.82
N LYS A 204 -9.90 -10.79 13.92
CA LYS A 204 -11.36 -10.80 13.86
C LYS A 204 -11.84 -9.36 13.68
N PRO A 205 -12.71 -9.06 12.69
CA PRO A 205 -13.22 -7.71 12.51
C PRO A 205 -14.36 -7.37 13.47
N VAL A 206 -14.39 -6.12 13.94
CA VAL A 206 -15.45 -5.68 14.83
C VAL A 206 -16.73 -5.47 14.01
N ASP A 207 -16.56 -5.03 12.75
CA ASP A 207 -17.66 -4.90 11.79
C ASP A 207 -17.20 -5.52 10.48
N ALA A 208 -17.92 -6.55 10.01
CA ALA A 208 -17.43 -7.40 8.94
C ALA A 208 -18.01 -6.99 7.58
N ASN A 209 -18.95 -6.03 7.57
CA ASN A 209 -19.71 -5.71 6.38
C ASN A 209 -19.52 -4.24 6.02
N ILE A 210 -18.35 -3.69 6.34
CA ILE A 210 -18.06 -2.28 6.12
C ILE A 210 -18.00 -2.04 4.61
N GLU A 211 -18.74 -1.04 4.13
CA GLU A 211 -18.84 -0.72 2.72
C GLU A 211 -17.44 -0.31 2.23
N VAL A 212 -16.87 -1.13 1.34
CA VAL A 212 -15.51 -0.96 0.86
C VAL A 212 -15.45 0.31 0.02
N SER A 213 -14.47 1.17 0.34
CA SER A 213 -14.36 2.52 -0.18
C SER A 213 -12.90 2.97 -0.09
N THR A 214 -12.40 3.67 -1.11
CA THR A 214 -10.97 3.90 -1.20
C THR A 214 -10.51 4.85 -0.10
N HIS A 215 -11.33 5.84 0.31
CA HIS A 215 -10.94 6.64 1.47
C HIS A 215 -11.75 6.28 2.72
N GLY A 216 -12.47 5.15 2.67
CA GLY A 216 -13.06 4.54 3.86
C GLY A 216 -14.46 5.06 4.14
N GLN A 217 -15.29 4.21 4.76
CA GLN A 217 -16.64 4.58 5.18
C GLN A 217 -16.57 5.60 6.32
N SER A 218 -17.20 6.75 6.09
CA SER A 218 -17.23 7.81 7.09
C SER A 218 -17.97 7.31 8.32
N ILE A 219 -17.45 7.68 9.51
CA ILE A 219 -18.06 7.33 10.77
C ILE A 219 -17.74 8.42 11.80
N SER A 220 -18.34 8.31 12.99
CA SER A 220 -18.09 9.21 14.10
C SER A 220 -17.63 8.39 15.31
N PHE A 221 -17.24 9.09 16.39
CA PHE A 221 -16.75 8.44 17.60
C PHE A 221 -17.87 7.62 18.24
N GLU A 222 -19.12 8.08 18.03
CA GLU A 222 -20.32 7.38 18.46
C GLU A 222 -20.25 5.92 18.01
N TYR A 223 -19.71 5.68 16.81
CA TYR A 223 -19.64 4.34 16.23
C TYR A 223 -18.56 3.50 16.92
N ILE A 224 -17.40 4.13 17.19
CA ILE A 224 -16.24 3.44 17.72
C ILE A 224 -16.57 2.89 19.10
N ALA A 225 -16.93 3.80 20.01
CA ALA A 225 -17.37 3.43 21.35
C ALA A 225 -18.78 2.83 21.27
N GLU A 226 -18.93 1.78 20.46
CA GLU A 226 -20.17 1.02 20.35
C GLU A 226 -19.81 -0.41 20.00
N LYS A 227 -19.19 -0.59 18.81
CA LYS A 227 -18.64 -1.87 18.41
C LYS A 227 -17.55 -2.27 19.41
N ASN A 228 -16.99 -1.25 20.08
CA ASN A 228 -16.08 -1.38 21.21
C ASN A 228 -14.99 -2.39 20.90
N PRO A 229 -14.01 -2.01 20.04
CA PRO A 229 -12.97 -2.95 19.62
C PRO A 229 -11.90 -3.11 20.70
N ASP A 230 -11.19 -4.25 20.60
CA ASP A 230 -10.06 -4.53 21.48
C ASP A 230 -8.79 -3.91 20.87
N TYR A 231 -8.74 -3.85 19.53
CA TYR A 231 -7.63 -3.26 18.80
C TYR A 231 -8.15 -2.18 17.85
N LEU A 232 -7.60 -0.97 17.96
CA LEU A 232 -7.93 0.11 17.05
C LEU A 232 -6.71 0.49 16.22
N PHE A 233 -6.62 -0.09 15.02
CA PHE A 233 -5.58 0.26 14.06
C PHE A 233 -5.88 1.62 13.41
N VAL A 234 -4.93 2.55 13.49
CA VAL A 234 -5.11 3.92 13.00
C VAL A 234 -4.10 4.20 11.87
N VAL A 235 -4.58 4.90 10.82
CA VAL A 235 -3.73 5.34 9.72
C VAL A 235 -3.85 6.85 9.62
N ASP A 236 -2.77 7.57 9.94
CA ASP A 236 -2.76 9.02 9.90
C ASP A 236 -2.57 9.47 8.46
N ARG A 237 -3.66 9.85 7.78
CA ARG A 237 -3.57 10.22 6.38
C ARG A 237 -2.85 11.55 6.27
N ASP A 238 -3.19 12.50 7.16
CA ASP A 238 -2.68 13.86 7.12
C ASP A 238 -1.16 13.91 7.24
N ALA A 239 -0.58 12.95 7.95
CA ALA A 239 0.87 12.86 8.09
C ALA A 239 1.54 12.76 6.72
N VAL A 240 0.89 12.13 5.72
CA VAL A 240 1.53 11.86 4.44
C VAL A 240 0.94 12.71 3.31
N VAL A 241 -0.29 13.21 3.45
CA VAL A 241 -0.90 14.02 2.40
C VAL A 241 -0.83 15.51 2.74
N ALA A 242 -0.72 15.85 4.03
CA ALA A 242 -0.58 17.24 4.42
C ALA A 242 0.82 17.50 4.96
N GLY A 243 1.51 16.44 5.41
CA GLY A 243 2.75 16.60 6.13
C GLY A 243 2.53 16.99 7.60
N LYS A 244 1.27 16.99 8.04
CA LYS A 244 0.91 17.32 9.43
C LYS A 244 0.22 16.13 10.07
N PRO A 245 0.92 15.35 10.91
CA PRO A 245 0.28 14.29 11.70
C PRO A 245 -0.84 14.80 12.60
N SER A 246 -2.03 14.18 12.50
CA SER A 246 -3.19 14.55 13.30
C SER A 246 -3.67 13.39 14.17
N ALA A 247 -3.13 12.18 13.94
CA ALA A 247 -3.81 10.96 14.31
C ALA A 247 -4.14 10.93 15.81
N LYS A 248 -3.16 11.33 16.62
CA LYS A 248 -3.32 11.46 18.07
C LYS A 248 -4.65 12.13 18.42
N GLN A 249 -4.73 13.45 18.17
CA GLN A 249 -5.73 14.27 18.84
C GLN A 249 -7.12 13.92 18.30
N THR A 250 -7.20 13.66 16.99
CA THR A 250 -8.45 13.22 16.39
C THR A 250 -9.03 12.05 17.18
N ILE A 251 -8.17 11.06 17.47
CA ILE A 251 -8.58 9.80 18.07
C ILE A 251 -8.72 9.96 19.58
N GLU A 252 -7.60 10.21 20.27
CA GLU A 252 -7.54 10.06 21.72
C GLU A 252 -8.35 11.18 22.37
N ASN A 253 -9.68 11.02 22.32
CA ASN A 253 -10.63 11.93 22.94
C ASN A 253 -11.56 11.10 23.81
N GLU A 254 -12.35 11.78 24.66
CA GLU A 254 -13.13 11.12 25.70
C GLU A 254 -13.81 9.85 25.19
N LEU A 255 -14.67 9.99 24.17
CA LEU A 255 -15.56 8.91 23.76
C LEU A 255 -14.76 7.71 23.26
N VAL A 256 -13.59 7.97 22.66
CA VAL A 256 -12.73 6.90 22.18
C VAL A 256 -12.01 6.26 23.37
N LYS A 257 -11.59 7.07 24.35
CA LYS A 257 -10.78 6.60 25.47
C LYS A 257 -11.55 5.59 26.33
N LYS A 258 -12.89 5.59 26.23
CA LYS A 258 -13.71 4.67 27.03
C LYS A 258 -13.47 3.21 26.59
N THR A 259 -13.05 3.01 25.33
CA THR A 259 -12.94 1.67 24.73
C THR A 259 -11.99 0.75 25.53
N ASN A 260 -12.01 -0.53 25.13
CA ASN A 260 -11.08 -1.53 25.60
C ASN A 260 -9.66 -1.17 25.17
N ALA A 261 -9.56 -0.71 23.91
CA ALA A 261 -8.29 -0.58 23.21
C ALA A 261 -7.43 0.48 23.88
N TYR A 262 -8.05 1.62 24.30
CA TYR A 262 -7.31 2.69 24.96
C TYR A 262 -6.93 2.25 26.37
N LYS A 263 -7.82 1.51 27.04
CA LYS A 263 -7.56 1.00 28.38
C LYS A 263 -6.51 -0.11 28.33
N ASN A 264 -6.36 -0.80 27.19
CA ASN A 264 -5.40 -1.89 27.07
C ASN A 264 -4.13 -1.42 26.36
N ASN A 265 -4.07 -0.14 25.97
CA ASN A 265 -2.97 0.40 25.20
C ASN A 265 -2.80 -0.42 23.92
N ARG A 266 -3.92 -0.62 23.21
CA ARG A 266 -3.93 -1.32 21.94
C ARG A 266 -4.56 -0.42 20.87
N ILE A 267 -4.23 0.88 20.93
CA ILE A 267 -4.45 1.80 19.83
C ILE A 267 -3.18 1.85 19.00
N ILE A 268 -3.18 1.13 17.86
CA ILE A 268 -1.97 0.93 17.08
C ILE A 268 -1.97 1.88 15.88
N TYR A 269 -1.12 2.91 15.96
CA TYR A 269 -0.87 3.83 14.87
C TYR A 269 0.00 3.16 13.81
N LEU A 270 -0.58 2.83 12.65
CA LEU A 270 0.16 2.19 11.56
C LEU A 270 0.90 3.25 10.74
N ASN A 271 2.12 2.92 10.29
CA ASN A 271 2.98 3.87 9.60
C ASN A 271 2.39 4.20 8.22
N PRO A 272 1.89 5.45 8.01
CA PRO A 272 1.19 5.80 6.77
C PRO A 272 2.05 5.81 5.52
N ASN A 273 3.38 5.97 5.70
CA ASN A 273 4.34 5.89 4.61
C ASN A 273 4.27 4.52 3.96
N TYR A 274 4.08 3.47 4.77
CA TYR A 274 3.94 2.14 4.23
C TYR A 274 2.49 1.88 3.83
N TRP A 275 1.55 2.22 4.72
CA TRP A 275 0.19 1.70 4.63
C TRP A 275 -0.62 2.47 3.59
N TYR A 276 -0.46 3.80 3.53
CA TYR A 276 -1.33 4.63 2.68
C TYR A 276 -0.63 4.98 1.37
N LEU A 277 0.59 5.54 1.44
CA LEU A 277 1.33 5.92 0.24
C LEU A 277 1.84 4.70 -0.54
N ALA A 278 2.17 3.60 0.14
CA ALA A 278 2.96 2.55 -0.49
C ALA A 278 2.68 1.17 0.08
N GLY A 279 1.68 0.46 -0.44
CA GLY A 279 1.59 -0.97 -0.12
C GLY A 279 1.81 -1.82 -1.37
N GLY A 280 1.75 -3.15 -1.19
CA GLY A 280 1.79 -4.05 -2.32
C GLY A 280 3.20 -4.22 -2.86
N GLY A 281 4.22 -3.97 -2.01
CA GLY A 281 5.59 -4.23 -2.40
C GLY A 281 6.29 -5.19 -1.45
N LEU A 282 7.41 -5.75 -1.90
CA LEU A 282 8.14 -6.71 -1.10
C LEU A 282 8.41 -6.11 0.29
N ILE A 283 8.94 -4.88 0.32
CA ILE A 283 9.24 -4.19 1.56
C ILE A 283 7.97 -3.77 2.29
N SER A 284 7.02 -3.08 1.62
CA SER A 284 5.90 -2.47 2.33
C SER A 284 5.01 -3.53 2.97
N VAL A 285 4.81 -4.68 2.31
CA VAL A 285 3.91 -5.71 2.82
C VAL A 285 4.57 -6.39 4.04
N ALA A 286 5.88 -6.69 3.95
CA ALA A 286 6.61 -7.26 5.08
C ALA A 286 6.53 -6.31 6.28
N GLU A 287 6.77 -5.02 6.05
CA GLU A 287 6.73 -4.07 7.14
C GLU A 287 5.30 -3.98 7.70
N MET A 288 4.31 -3.91 6.79
CA MET A 288 2.91 -3.83 7.18
C MET A 288 2.59 -4.96 8.16
N ILE A 289 2.94 -6.19 7.77
CA ILE A 289 2.66 -7.38 8.58
C ILE A 289 3.34 -7.28 9.94
N ASN A 290 4.53 -6.68 9.98
CA ASN A 290 5.30 -6.58 11.22
C ASN A 290 4.64 -5.60 12.18
N GLU A 291 4.04 -4.53 11.64
CA GLU A 291 3.34 -3.57 12.47
C GLU A 291 2.06 -4.19 13.04
N VAL A 292 1.44 -5.10 12.28
CA VAL A 292 0.31 -5.86 12.81
C VAL A 292 0.80 -6.78 13.93
N GLU A 293 1.85 -7.58 13.65
CA GLU A 293 2.37 -8.52 14.63
C GLU A 293 2.63 -7.81 15.94
N LYS A 294 3.48 -6.77 15.88
CA LYS A 294 3.89 -6.06 17.07
C LYS A 294 2.65 -5.46 17.74
N GLY A 295 1.69 -5.00 16.94
CA GLY A 295 0.47 -4.40 17.45
C GLY A 295 -0.32 -5.28 18.41
N ILE A 296 -0.18 -6.61 18.28
CA ILE A 296 -1.00 -7.52 19.05
C ILE A 296 -0.15 -8.37 20.01
N GLU A 297 1.19 -8.28 19.95
CA GLU A 297 2.07 -8.99 20.87
C GLU A 297 1.98 -8.32 22.25
FE FE B . -5.75 8.91 -1.41
C1 5LC C . -1.87 10.39 -1.99
C2 5LC C . -3.23 10.16 -1.84
C3 5LC C . -4.13 11.22 -1.92
C4 5LC C . -3.67 12.53 -2.13
C5 5LC C . -2.29 12.73 -2.27
C6 5LC C . -1.41 11.69 -2.20
C7 5LC C . -4.61 13.67 -2.25
N8 5LC C . -5.85 13.39 -2.65
O9 5LC C . -4.20 14.82 -2.07
C10 5LC C . -6.78 14.40 -3.14
C11 5LC C . -8.04 13.75 -3.70
C12 5LC C . -7.75 12.36 -4.27
N14 5LC C . -7.66 9.63 -5.44
C15 5LC C . -7.74 8.37 -5.85
C16 5LC C . -7.06 7.30 -5.07
O17 5LC C . -8.40 8.04 -6.85
C18 5LC C . -6.53 7.59 -3.80
C19 5LC C . -5.91 6.59 -3.05
C20 5LC C . -5.83 5.29 -3.55
C21 5LC C . -6.37 5.00 -4.81
C22 5LC C . -6.98 5.98 -5.54
O23 5LC C . -6.54 8.83 -3.23
O24 5LC C . -5.42 7.00 -1.84
C23 5LC C . -8.85 11.78 -5.14
O25 5LC C . -5.46 10.86 -1.77
C13 5LC C . -8.37 10.71 -6.11
O26 5LC C . -3.77 8.90 -1.67
H1 5LC C . -1.26 9.68 -1.94
H6 5LC C . -0.49 11.85 -2.29
H26 5LC C . -3.46 8.37 -1.07
H25 5LC C . -6.06 11.48 -1.79
H5 5LC C . -1.96 13.61 -2.41
H8 5LC C . -6.13 12.58 -2.58
H101 5LC C . -6.34 14.93 -3.84
H102 5LC C . -7.02 15.01 -2.41
H111 5LC C . -8.39 14.32 -4.42
H112 5LC C . -8.70 13.68 -2.99
H121 5LC C . -7.61 11.74 -3.53
H122 5LC C . -6.94 12.40 -4.80
H231 5LC C . -9.26 12.51 -5.65
H232 5LC C . -9.55 11.40 -4.56
H14 5LC C . -7.18 9.82 -4.73
H131 5LC C . -9.14 10.35 -6.58
H132 5LC C . -7.77 11.12 -6.76
H22 5LC C . -7.34 5.77 -6.38
H20 5LC C . -5.42 4.62 -3.05
H24 5LC C . -5.03 6.44 -1.32
H21 5LC C . -6.32 4.13 -5.15
H23 5LC C . -5.81 9.17 -2.93
NI NI D . 8.21 19.77 -15.48
NI NI E . 12.05 19.27 -19.39
NI NI F . 8.99 -21.21 -4.75
NI NI G . 18.49 -8.63 -6.82
S SO4 H . 10.33 19.52 -18.06
O1 SO4 H . 10.42 20.45 -19.14
O2 SO4 H . 11.58 19.60 -17.42
O3 SO4 H . 9.15 19.71 -17.18
O4 SO4 H . 10.41 18.25 -18.73
#